data_1APV
#
_entry.id   1APV
#
_cell.length_a   97.520
_cell.length_b   46.570
_cell.length_c   66.230
_cell.angle_alpha   90.00
_cell.angle_beta   116.03
_cell.angle_gamma   90.00
#
_symmetry.space_group_name_H-M   'C 1 2 1'
#
loop_
_entity.id
_entity.type
_entity.pdbx_description
1 polymer PENICILLOPEPSIN
2 polymer 'INHIBITOR ISOVALERYL (IVA)-VAL-VAL-HYDRATED DIFLUOROSTATONE-N-METHYLAMINE'
3 non-polymer alpha-D-mannopyranose
4 non-polymer alpha-D-xylopyranose
5 non-polymer 'SULFATE ION'
6 non-polymer DIMETHYLFORMAMIDE
7 water water
#
loop_
_entity_poly.entity_id
_entity_poly.type
_entity_poly.pdbx_seq_one_letter_code
_entity_poly.pdbx_strand_id
1 'polypeptide(L)'
;AASGVATNTPTANDEEYITPVTIGGTTLNLNFDTGSADLWVFSTELPASQQSGHSVYNPSATGKELSGYTWSISYGDGSS
ASGNVFTDSVTVGGVTAHGQAVQAAQQISAQFQQDTNNDGLLGLAFSSINTVQPQSQTTFFDTVKSSLAQPLFAVALKHQ
QPGVYDFGFIDSSKYTGSLTYTGVDNSQGFWSFNVDSYTAGSQSGDGFSGIADTGTTLLLLDDSVVSQYYSQVSGAQQDS
NAGGYVFDCSTNLPDFSVSISGYTATVPGSLINYGPSGDGSTCLGGIQSNSGIGFSIFGDIFLKSQYVVFDSDGPQLGFA
PQA
;
E
2 'polypeptide(L)' (IVA)VV(DFO)(NME) I
#
loop_
_chem_comp.id
_chem_comp.type
_chem_comp.name
_chem_comp.formula
DMF non-polymer DIMETHYLFORMAMIDE 'C3 H7 N O'
IVA non-polymer 'ISOVALERIC ACID' 'C5 H10 O2'
MAN D-saccharide, alpha linking alpha-D-mannopyranose 'C6 H12 O6'
NME non-polymer METHYLAMINE 'C H5 N'
SO4 non-polymer 'SULFATE ION' 'O4 S -2'
XYS D-saccharide, alpha linking alpha-D-xylopyranose 'C5 H10 O5'
#
# COMPACT_ATOMS: atom_id res chain seq x y z
N ALA A 1 10.53 -21.21 -14.61
CA ALA A 1 9.92 -19.86 -14.38
C ALA A 1 9.71 -19.78 -12.86
N ALA A 2 9.65 -18.59 -12.32
CA ALA A 2 9.51 -18.43 -10.88
C ALA A 2 8.12 -17.79 -10.68
N SER A 3 7.70 -18.11 -9.46
CA SER A 3 6.42 -17.61 -8.90
C SER A 3 6.59 -17.83 -7.40
N GLY A 4 5.71 -17.18 -6.64
CA GLY A 4 5.79 -17.35 -5.15
C GLY A 4 4.59 -16.59 -4.55
N VAL A 5 4.38 -16.95 -3.31
CA VAL A 5 3.32 -16.41 -2.48
C VAL A 5 3.96 -15.92 -1.18
N ALA A 6 3.68 -14.67 -0.84
CA ALA A 6 4.19 -14.13 0.43
C ALA A 6 2.94 -13.88 1.25
N THR A 7 2.93 -14.21 2.52
CA THR A 7 1.68 -13.97 3.31
C THR A 7 1.86 -12.64 4.04
N ASN A 8 0.83 -11.86 4.02
CA ASN A 8 0.79 -10.57 4.71
C ASN A 8 -0.13 -10.76 5.92
N THR A 9 0.08 -9.86 6.88
CA THR A 9 -0.71 -9.83 8.09
C THR A 9 -0.99 -8.38 8.50
N PRO A 10 -2.22 -8.06 8.74
CA PRO A 10 -2.54 -6.69 9.16
C PRO A 10 -2.14 -6.47 10.64
N THR A 11 -1.83 -5.22 10.88
CA THR A 11 -1.45 -4.87 12.29
C THR A 11 -2.80 -4.50 12.90
N ALA A 12 -2.80 -4.01 14.13
CA ALA A 12 -4.06 -3.60 14.79
C ALA A 12 -4.88 -2.67 13.89
N ASN A 13 -6.15 -2.99 13.78
CA ASN A 13 -7.16 -2.31 12.97
C ASN A 13 -6.82 -2.28 11.47
N ASP A 14 -5.90 -3.15 11.08
CA ASP A 14 -5.53 -3.15 9.64
C ASP A 14 -4.92 -1.80 9.28
N GLU A 15 -4.17 -1.20 10.19
CA GLU A 15 -3.57 0.10 9.87
C GLU A 15 -2.52 -0.08 8.75
N GLU A 16 -1.82 -1.19 8.79
CA GLU A 16 -0.81 -1.54 7.76
C GLU A 16 -0.72 -3.04 7.65
N TYR A 17 -0.12 -3.50 6.55
CA TYR A 17 0.03 -4.97 6.29
C TYR A 17 1.52 -5.25 6.20
N ILE A 18 2.00 -6.22 6.92
CA ILE A 18 3.45 -6.51 6.87
C ILE A 18 3.67 -7.94 6.35
N THR A 19 4.82 -8.06 5.68
CA THR A 19 5.24 -9.31 5.05
C THR A 19 6.74 -9.52 5.26
N PRO A 20 7.10 -10.75 5.55
CA PRO A 20 8.54 -11.01 5.76
C PRO A 20 9.30 -11.02 4.46
N VAL A 21 10.53 -10.49 4.54
CA VAL A 21 11.44 -10.38 3.37
C VAL A 21 12.85 -10.71 3.90
N THR A 22 13.53 -11.56 3.21
CA THR A 22 14.90 -11.95 3.66
C THR A 22 15.93 -11.21 2.84
N ILE A 23 16.72 -10.46 3.56
CA ILE A 23 17.80 -9.68 2.91
C ILE A 23 19.15 -10.13 3.39
N GLY A 24 19.97 -10.62 2.47
CA GLY A 24 21.32 -11.13 2.85
C GLY A 24 21.17 -12.07 4.07
N GLY A 25 20.21 -12.98 4.08
CA GLY A 25 20.02 -13.91 5.22
C GLY A 25 19.25 -13.52 6.43
N THR A 26 18.96 -12.23 6.61
CA THR A 26 18.19 -11.71 7.76
C THR A 26 16.77 -11.40 7.32
N THR A 27 15.81 -11.89 8.09
CA THR A 27 14.41 -11.59 7.72
C THR A 27 13.89 -10.36 8.48
N LEU A 28 13.27 -9.46 7.74
CA LEU A 28 12.68 -8.22 8.21
C LEU A 28 11.17 -8.21 7.89
N ASN A 29 10.43 -7.52 8.70
CA ASN A 29 8.96 -7.43 8.46
C ASN A 29 8.73 -6.12 7.71
N LEU A 30 8.39 -6.20 6.41
CA LEU A 30 8.22 -4.92 5.67
C LEU A 30 6.78 -4.65 5.24
N ASN A 31 6.56 -3.35 5.00
CA ASN A 31 5.21 -2.92 4.54
C ASN A 31 5.31 -2.82 3.02
N PHE A 32 4.54 -3.64 2.33
CA PHE A 32 4.60 -3.60 0.82
C PHE A 32 3.71 -2.45 0.40
N ASP A 33 4.31 -1.48 -0.35
CA ASP A 33 3.59 -0.28 -0.76
C ASP A 33 3.60 0.03 -2.24
N THR A 34 2.40 -0.15 -2.84
CA THR A 34 2.24 0.11 -4.27
C THR A 34 2.23 1.59 -4.58
N GLY A 35 2.37 2.43 -3.56
CA GLY A 35 2.44 3.87 -3.81
C GLY A 35 3.82 4.44 -3.86
N SER A 36 4.88 3.69 -3.67
CA SER A 36 6.27 4.27 -3.73
C SER A 36 7.14 3.21 -4.37
N ALA A 37 8.36 3.61 -4.77
CA ALA A 37 9.27 2.69 -5.43
C ALA A 37 10.62 2.48 -4.77
N ASP A 38 10.69 2.70 -3.47
CA ASP A 38 11.93 2.48 -2.72
C ASP A 38 11.81 1.27 -1.78
N LEU A 39 12.89 0.48 -1.76
CA LEU A 39 12.94 -0.66 -0.81
C LEU A 39 13.93 -0.11 0.25
N TRP A 40 13.42 0.34 1.41
CA TRP A 40 14.37 0.85 2.43
C TRP A 40 14.11 0.07 3.74
N VAL A 41 15.22 -0.06 4.50
CA VAL A 41 15.08 -0.81 5.75
C VAL A 41 15.81 -0.12 6.90
N PHE A 42 15.32 -0.49 8.08
CA PHE A 42 15.99 -0.01 9.33
C PHE A 42 17.39 -0.63 9.23
N SER A 43 18.46 0.03 9.61
CA SER A 43 19.81 -0.57 9.49
C SER A 43 20.66 -0.21 10.76
N THR A 44 21.83 -0.83 10.72
CA THR A 44 22.76 -0.60 11.84
C THR A 44 23.38 0.77 11.72
N GLU A 45 23.06 1.53 10.66
CA GLU A 45 23.64 2.88 10.54
C GLU A 45 22.77 3.85 11.28
N LEU A 46 21.62 3.36 11.84
CA LEU A 46 20.78 4.33 12.60
C LEU A 46 21.33 4.31 14.07
N PRO A 47 20.98 5.35 14.79
CA PRO A 47 21.38 5.43 16.22
C PRO A 47 20.87 4.17 16.87
N ALA A 48 21.65 3.60 17.79
CA ALA A 48 21.24 2.37 18.47
C ALA A 48 19.82 2.44 19.07
N SER A 49 19.49 3.61 19.59
CA SER A 49 18.20 3.82 20.24
C SER A 49 17.02 3.71 19.27
N GLN A 50 17.29 3.93 18.01
CA GLN A 50 16.24 3.87 16.97
C GLN A 50 16.15 2.47 16.42
N GLN A 51 17.14 1.64 16.63
CA GLN A 51 17.17 0.25 16.15
C GLN A 51 16.34 -0.66 17.07
N SER A 52 16.02 -0.09 18.22
CA SER A 52 15.26 -0.83 19.24
C SER A 52 13.85 -1.22 18.84
N GLY A 53 13.61 -2.51 19.04
CA GLY A 53 12.25 -3.02 18.71
C GLY A 53 12.09 -3.35 17.23
N HIS A 54 13.23 -3.48 16.54
CA HIS A 54 13.17 -3.77 15.10
C HIS A 54 14.19 -4.80 14.75
N SER A 55 14.01 -5.41 13.58
CA SER A 55 14.95 -6.39 12.99
C SER A 55 15.68 -5.37 12.08
N VAL A 56 17.03 -5.41 12.07
CA VAL A 56 17.71 -4.40 11.24
C VAL A 56 18.69 -5.10 10.31
N TYR A 57 18.92 -4.41 9.21
CA TYR A 57 19.87 -4.93 8.19
C TYR A 57 21.28 -4.43 8.55
N ASN A 58 22.28 -5.31 8.38
CA ASN A 58 23.68 -4.84 8.68
C ASN A 58 24.34 -4.99 7.30
N PRO A 59 24.49 -3.85 6.65
CA PRO A 59 25.04 -3.81 5.30
C PRO A 59 26.45 -4.35 5.14
N SER A 60 27.24 -4.21 6.19
CA SER A 60 28.65 -4.66 6.12
C SER A 60 28.81 -6.15 6.04
N ALA A 61 27.77 -6.83 6.50
CA ALA A 61 27.81 -8.29 6.52
C ALA A 61 27.75 -8.88 5.12
N THR A 62 26.76 -8.42 4.34
CA THR A 62 26.59 -8.97 2.99
C THR A 62 26.34 -8.04 1.84
N GLY A 63 26.13 -6.76 2.10
CA GLY A 63 25.83 -5.85 0.97
C GLY A 63 27.06 -5.36 0.23
N LYS A 64 26.84 -4.90 -0.97
CA LYS A 64 27.94 -4.32 -1.83
C LYS A 64 27.52 -2.85 -1.84
N GLU A 65 28.34 -1.95 -1.30
CA GLU A 65 27.98 -0.53 -1.24
C GLU A 65 28.05 0.15 -2.59
N LEU A 66 27.13 1.06 -2.88
CA LEU A 66 27.17 1.83 -4.13
C LEU A 66 27.77 3.17 -3.62
N SER A 67 29.11 3.29 -3.80
CA SER A 67 29.73 4.53 -3.30
C SER A 67 29.14 5.79 -3.91
N GLY A 68 28.85 6.73 -3.04
CA GLY A 68 28.28 8.01 -3.45
C GLY A 68 26.80 8.08 -3.79
N TYR A 69 26.09 7.00 -3.62
CA TYR A 69 24.64 6.98 -3.95
C TYR A 69 23.90 7.25 -2.62
N THR A 70 22.82 7.97 -2.79
CA THR A 70 21.98 8.31 -1.61
C THR A 70 20.51 8.21 -2.07
N TRP A 71 19.67 8.26 -1.05
CA TRP A 71 18.21 8.25 -1.31
C TRP A 71 17.58 9.17 -0.22
N SER A 72 16.46 9.69 -0.60
CA SER A 72 15.66 10.58 0.23
C SER A 72 14.22 10.59 -0.26
N ILE A 73 13.33 10.24 0.70
CA ILE A 73 11.89 10.17 0.33
C ILE A 73 10.99 10.84 1.35
N SER A 74 9.94 11.41 0.81
CA SER A 74 8.91 12.07 1.64
C SER A 74 7.54 11.51 1.20
N TYR A 75 6.79 11.05 2.17
CA TYR A 75 5.46 10.46 1.93
C TYR A 75 4.34 11.46 2.17
N GLY A 76 3.18 11.05 1.68
CA GLY A 76 1.92 11.79 1.77
C GLY A 76 1.48 12.15 3.19
N ASP A 77 1.79 11.30 4.15
CA ASP A 77 1.38 11.60 5.55
C ASP A 77 2.45 12.50 6.21
N GLY A 78 3.44 12.95 5.46
CA GLY A 78 4.51 13.83 6.07
C GLY A 78 5.71 13.13 6.61
N SER A 79 5.76 11.80 6.61
CA SER A 79 6.90 11.03 7.11
C SER A 79 8.00 11.08 6.04
N SER A 80 9.22 10.77 6.43
CA SER A 80 10.35 10.82 5.49
C SER A 80 11.46 9.94 5.98
N ALA A 81 12.42 9.58 5.14
CA ALA A 81 13.54 8.75 5.52
C ALA A 81 14.66 9.05 4.46
N SER A 82 15.88 8.73 4.86
CA SER A 82 17.01 8.97 3.90
C SER A 82 18.15 8.08 4.33
N GLY A 83 19.10 7.86 3.40
CA GLY A 83 20.26 7.05 3.71
C GLY A 83 21.11 6.83 2.45
N ASN A 84 21.78 5.69 2.56
CA ASN A 84 22.69 5.20 1.56
C ASN A 84 22.22 3.89 0.94
N VAL A 85 23.01 3.39 0.00
CA VAL A 85 22.58 2.20 -0.77
C VAL A 85 23.60 1.14 -0.99
N PHE A 86 23.06 -0.08 -0.89
CA PHE A 86 23.83 -1.30 -1.08
C PHE A 86 23.06 -2.25 -1.99
N THR A 87 23.75 -3.18 -2.57
CA THR A 87 22.99 -4.21 -3.37
C THR A 87 23.18 -5.48 -2.51
N ASP A 88 22.16 -6.30 -2.55
CA ASP A 88 22.17 -7.58 -1.78
C ASP A 88 21.17 -8.53 -2.36
N SER A 89 21.06 -9.71 -1.79
CA SER A 89 20.03 -10.71 -2.30
C SER A 89 18.76 -10.45 -1.48
N VAL A 90 17.63 -10.38 -2.21
CA VAL A 90 16.34 -10.09 -1.49
C VAL A 90 15.36 -11.19 -1.84
N THR A 91 14.80 -11.89 -0.87
CA THR A 91 13.86 -12.99 -1.15
C THR A 91 12.47 -12.71 -0.64
N VAL A 92 11.46 -12.83 -1.53
CA VAL A 92 10.08 -12.60 -1.09
C VAL A 92 9.29 -13.82 -1.53
N GLY A 93 8.71 -14.51 -0.57
CA GLY A 93 7.92 -15.71 -0.92
C GLY A 93 8.64 -16.70 -1.83
N GLY A 94 9.93 -16.88 -1.56
CA GLY A 94 10.73 -17.83 -2.33
C GLY A 94 11.24 -17.28 -3.65
N VAL A 95 10.97 -16.06 -4.02
CA VAL A 95 11.45 -15.45 -5.28
C VAL A 95 12.66 -14.58 -4.81
N THR A 96 13.81 -14.87 -5.39
CA THR A 96 15.02 -14.14 -5.05
C THR A 96 15.53 -13.20 -6.16
N ALA A 97 15.75 -11.99 -5.74
CA ALA A 97 16.28 -10.92 -6.59
C ALA A 97 17.77 -10.80 -6.15
N HIS A 98 18.66 -11.08 -7.10
CA HIS A 98 20.09 -10.96 -6.83
C HIS A 98 20.48 -9.55 -7.30
N GLY A 99 21.26 -8.92 -6.48
CA GLY A 99 21.77 -7.57 -6.74
C GLY A 99 20.70 -6.50 -6.68
N GLN A 100 19.70 -6.73 -5.85
CA GLN A 100 18.62 -5.81 -5.62
C GLN A 100 19.17 -4.63 -4.73
N ALA A 101 18.80 -3.43 -5.14
CA ALA A 101 19.23 -2.22 -4.42
C ALA A 101 18.47 -2.17 -3.09
N VAL A 102 19.16 -2.09 -1.99
CA VAL A 102 18.57 -2.02 -0.65
C VAL A 102 18.97 -0.64 -0.07
N GLN A 103 17.99 0.13 0.28
CA GLN A 103 18.23 1.52 0.80
C GLN A 103 18.27 1.42 2.32
N ALA A 104 19.50 1.54 2.85
CA ALA A 104 19.73 1.46 4.31
C ALA A 104 19.40 2.82 4.91
N ALA A 105 18.52 2.80 5.91
CA ALA A 105 18.15 4.07 6.54
C ALA A 105 19.28 4.60 7.44
N GLN A 106 19.46 5.93 7.28
CA GLN A 106 20.46 6.64 8.11
C GLN A 106 19.68 7.64 9.01
N GLN A 107 18.52 8.06 8.55
CA GLN A 107 17.65 8.99 9.25
C GLN A 107 16.17 8.59 9.00
N ILE A 108 15.34 8.70 9.99
CA ILE A 108 13.89 8.35 9.85
C ILE A 108 13.10 9.40 10.62
N SER A 109 11.93 9.80 10.15
CA SER A 109 11.13 10.83 10.86
C SER A 109 10.42 10.15 12.02
N ALA A 110 9.90 10.95 12.95
CA ALA A 110 9.21 10.38 14.12
C ALA A 110 8.14 9.34 13.85
N GLN A 111 7.42 9.47 12.74
CA GLN A 111 6.36 8.46 12.43
C GLN A 111 6.95 7.08 12.35
N PHE A 112 8.14 6.99 11.71
CA PHE A 112 8.77 5.68 11.56
C PHE A 112 9.40 5.25 12.89
N GLN A 113 9.94 6.26 13.59
CA GLN A 113 10.60 5.92 14.88
C GLN A 113 9.53 5.36 15.85
N GLN A 114 8.31 5.85 15.76
CA GLN A 114 7.30 5.32 16.71
C GLN A 114 6.66 4.03 16.28
N ASP A 115 6.74 3.67 15.01
CA ASP A 115 6.11 2.44 14.51
C ASP A 115 6.95 1.20 14.62
N THR A 116 6.77 0.39 15.62
CA THR A 116 7.59 -0.83 15.72
C THR A 116 6.99 -2.03 14.97
N ASN A 117 5.94 -1.81 14.23
CA ASN A 117 5.29 -2.93 13.49
C ASN A 117 6.05 -3.31 12.22
N ASN A 118 6.83 -2.37 11.70
CA ASN A 118 7.57 -2.67 10.46
C ASN A 118 9.04 -2.26 10.62
N ASP A 119 9.79 -2.88 9.71
CA ASP A 119 11.24 -2.69 9.65
C ASP A 119 11.64 -1.96 8.33
N GLY A 120 10.66 -1.31 7.73
CA GLY A 120 10.93 -0.56 6.45
C GLY A 120 9.80 -0.87 5.44
N LEU A 121 10.03 -0.39 4.22
CA LEU A 121 9.06 -0.52 3.12
C LEU A 121 9.65 -1.22 1.89
N LEU A 122 8.82 -1.92 1.16
CA LEU A 122 9.20 -2.56 -0.13
C LEU A 122 8.24 -1.82 -1.10
N GLY A 123 8.78 -0.95 -1.93
CA GLY A 123 7.96 -0.19 -2.90
C GLY A 123 7.66 -1.06 -4.14
N LEU A 124 6.41 -0.94 -4.58
CA LEU A 124 5.88 -1.65 -5.74
C LEU A 124 5.24 -0.72 -6.77
N ALA A 125 5.52 0.53 -6.71
CA ALA A 125 5.04 1.50 -7.75
C ALA A 125 6.09 1.31 -8.89
N PHE A 126 5.95 2.05 -9.96
CA PHE A 126 6.86 1.93 -11.13
C PHE A 126 8.25 2.49 -10.70
N SER A 127 9.27 1.86 -11.25
CA SER A 127 10.67 2.24 -10.91
C SER A 127 10.99 3.69 -11.29
N SER A 128 10.22 4.29 -12.18
CA SER A 128 10.44 5.66 -12.61
C SER A 128 10.47 6.67 -11.45
N ILE A 129 9.83 6.32 -10.35
CA ILE A 129 9.83 7.22 -9.19
C ILE A 129 10.75 6.77 -8.07
N ASN A 130 11.65 5.84 -8.33
CA ASN A 130 12.63 5.43 -7.28
C ASN A 130 13.48 6.70 -6.97
N THR A 131 13.74 7.00 -5.71
CA THR A 131 14.49 8.23 -5.33
C THR A 131 16.02 8.10 -5.31
N VAL A 132 16.60 6.98 -5.61
CA VAL A 132 18.08 6.83 -5.57
C VAL A 132 18.78 7.80 -6.55
N GLN A 133 19.83 8.40 -6.04
CA GLN A 133 20.66 9.33 -6.84
C GLN A 133 22.14 8.87 -6.70
N PRO A 134 22.93 9.12 -7.74
CA PRO A 134 22.62 9.77 -8.97
C PRO A 134 21.82 8.98 -9.99
N GLN A 135 21.77 7.67 -9.84
CA GLN A 135 21.00 6.84 -10.83
C GLN A 135 19.96 6.03 -10.09
N SER A 136 18.69 6.18 -10.53
CA SER A 136 17.62 5.42 -9.85
C SER A 136 17.75 3.94 -10.03
N GLN A 137 17.14 3.18 -9.11
CA GLN A 137 17.23 1.73 -9.14
C GLN A 137 15.84 1.12 -9.35
N THR A 138 15.83 -0.16 -9.68
CA THR A 138 14.56 -0.85 -9.91
C THR A 138 14.00 -1.47 -8.62
N THR A 139 12.66 -1.50 -8.63
CA THR A 139 11.94 -2.09 -7.50
C THR A 139 12.21 -3.59 -7.55
N PHE A 140 11.88 -4.24 -6.42
CA PHE A 140 12.07 -5.71 -6.37
C PHE A 140 11.31 -6.35 -7.55
N PHE A 141 10.10 -5.82 -7.76
CA PHE A 141 9.29 -6.44 -8.84
C PHE A 141 9.92 -6.28 -10.22
N ASP A 142 10.40 -5.06 -10.48
CA ASP A 142 11.03 -4.79 -11.80
C ASP A 142 12.30 -5.62 -11.90
N THR A 143 12.96 -5.78 -10.77
CA THR A 143 14.22 -6.58 -10.84
C THR A 143 13.94 -8.02 -11.24
N VAL A 144 12.87 -8.63 -10.74
CA VAL A 144 12.60 -10.03 -11.03
C VAL A 144 11.55 -10.28 -12.09
N LYS A 145 10.85 -9.27 -12.54
CA LYS A 145 9.74 -9.54 -13.48
C LYS A 145 10.04 -10.41 -14.68
N SER A 146 11.21 -10.22 -15.25
CA SER A 146 11.57 -11.03 -16.48
C SER A 146 11.72 -12.49 -16.14
N SER A 147 11.95 -12.84 -14.88
CA SER A 147 12.08 -14.23 -14.49
C SER A 147 10.76 -14.85 -14.03
N LEU A 148 9.72 -14.08 -13.83
CA LEU A 148 8.45 -14.68 -13.37
C LEU A 148 7.71 -15.35 -14.55
N ALA A 149 6.87 -16.29 -14.17
CA ALA A 149 6.05 -16.99 -15.22
C ALA A 149 5.26 -15.93 -15.99
N GLN A 150 4.70 -14.93 -15.29
CA GLN A 150 3.93 -13.81 -15.85
C GLN A 150 4.43 -12.54 -15.12
N PRO A 151 4.60 -11.46 -15.83
CA PRO A 151 5.09 -10.21 -15.22
C PRO A 151 4.01 -9.41 -14.51
N LEU A 152 3.57 -10.00 -13.41
CA LEU A 152 2.48 -9.35 -12.61
C LEU A 152 2.59 -9.89 -11.18
N PHE A 153 1.87 -9.15 -10.33
CA PHE A 153 1.77 -9.54 -8.91
C PHE A 153 0.24 -9.32 -8.61
N ALA A 154 -0.22 -10.01 -7.57
CA ALA A 154 -1.66 -9.83 -7.26
C ALA A 154 -1.74 -9.76 -5.71
N VAL A 155 -2.80 -9.11 -5.29
CA VAL A 155 -2.94 -9.00 -3.80
C VAL A 155 -4.37 -9.16 -3.31
N ALA A 156 -4.42 -9.79 -2.14
CA ALA A 156 -5.64 -10.02 -1.35
C ALA A 156 -5.28 -9.57 0.07
N LEU A 157 -5.81 -8.40 0.41
CA LEU A 157 -5.62 -7.85 1.77
C LEU A 157 -6.94 -8.19 2.48
N LYS A 158 -6.90 -8.69 3.70
CA LYS A 158 -8.15 -9.01 4.40
C LYS A 158 -8.28 -8.26 5.72
N HIS A 159 -9.52 -8.30 6.23
CA HIS A 159 -9.82 -7.64 7.53
C HIS A 159 -9.48 -8.63 8.64
N GLN A 160 -8.50 -8.25 9.46
CA GLN A 160 -8.02 -9.04 10.58
C GLN A 160 -7.83 -10.51 10.31
N GLN A 161 -7.22 -10.85 9.17
CA GLN A 161 -6.89 -12.22 8.77
C GLN A 161 -5.66 -12.06 7.79
N PRO A 162 -4.86 -13.12 7.74
CA PRO A 162 -3.67 -13.13 6.87
C PRO A 162 -4.18 -13.15 5.41
N GLY A 163 -3.41 -12.50 4.58
CA GLY A 163 -3.72 -12.39 3.14
C GLY A 163 -2.44 -12.81 2.38
N VAL A 164 -2.47 -12.50 1.07
CA VAL A 164 -1.31 -12.91 0.27
C VAL A 164 -1.00 -11.81 -0.76
N TYR A 165 0.23 -11.95 -1.17
CA TYR A 165 0.86 -11.26 -2.28
C TYR A 165 1.23 -12.42 -3.25
N ASP A 166 0.61 -12.55 -4.42
CA ASP A 166 1.00 -13.64 -5.34
C ASP A 166 1.98 -13.01 -6.35
N PHE A 167 3.16 -13.62 -6.45
CA PHE A 167 4.10 -13.02 -7.47
C PHE A 167 4.18 -13.93 -8.69
N GLY A 168 3.92 -13.39 -9.87
CA GLY A 168 4.09 -14.16 -11.11
C GLY A 168 2.98 -15.09 -11.53
N PHE A 169 1.87 -15.08 -10.83
CA PHE A 169 0.73 -15.95 -11.18
C PHE A 169 -0.52 -15.40 -10.51
N ILE A 170 -1.65 -15.84 -11.02
CA ILE A 170 -2.98 -15.38 -10.47
C ILE A 170 -3.60 -16.58 -9.78
N ASP A 171 -4.06 -16.42 -8.56
CA ASP A 171 -4.72 -17.54 -7.86
C ASP A 171 -6.23 -17.28 -8.04
N SER A 172 -6.84 -18.05 -8.94
CA SER A 172 -8.29 -17.89 -9.22
C SER A 172 -9.19 -18.26 -8.05
N SER A 173 -8.67 -18.99 -7.10
CA SER A 173 -9.48 -19.38 -5.92
C SER A 173 -9.63 -18.17 -4.98
N LYS A 174 -8.90 -17.08 -5.22
CA LYS A 174 -9.00 -15.89 -4.34
C LYS A 174 -10.10 -14.90 -4.65
N TYR A 175 -10.80 -15.16 -5.76
CA TYR A 175 -11.88 -14.25 -6.17
C TYR A 175 -13.05 -15.03 -6.79
N THR A 176 -14.17 -14.31 -6.83
CA THR A 176 -15.39 -14.83 -7.43
C THR A 176 -15.52 -14.27 -8.85
N GLY A 177 -15.95 -15.16 -9.78
CA GLY A 177 -16.18 -14.80 -11.15
C GLY A 177 -14.89 -14.58 -11.94
N SER A 178 -14.93 -13.65 -12.89
CA SER A 178 -13.77 -13.36 -13.70
C SER A 178 -13.23 -11.95 -13.40
N LEU A 179 -11.94 -11.80 -13.72
CA LEU A 179 -11.33 -10.46 -13.50
C LEU A 179 -11.77 -9.51 -14.62
N THR A 180 -11.90 -8.25 -14.24
CA THR A 180 -12.21 -7.20 -15.20
C THR A 180 -10.93 -6.34 -15.26
N TYR A 181 -10.41 -6.05 -16.43
CA TYR A 181 -9.18 -5.21 -16.49
C TYR A 181 -9.46 -3.79 -16.96
N THR A 182 -8.57 -2.87 -16.50
CA THR A 182 -8.71 -1.46 -16.87
C THR A 182 -7.28 -0.96 -17.11
N GLY A 183 -7.18 0.03 -18.02
CA GLY A 183 -5.83 0.53 -18.32
C GLY A 183 -5.21 1.38 -17.20
N VAL A 184 -3.88 1.29 -17.11
CA VAL A 184 -3.15 2.08 -16.11
C VAL A 184 -2.36 3.16 -16.78
N ASP A 185 -2.36 4.33 -16.18
CA ASP A 185 -1.56 5.49 -16.65
C ASP A 185 -0.38 5.50 -15.65
N ASN A 186 0.82 5.18 -16.09
CA ASN A 186 1.95 5.14 -15.13
C ASN A 186 2.84 6.39 -15.32
N SER A 187 2.28 7.38 -15.91
CA SER A 187 3.05 8.62 -16.18
C SER A 187 3.61 9.25 -14.90
N GLN A 188 2.95 9.16 -13.80
CA GLN A 188 3.43 9.70 -12.52
C GLN A 188 3.99 8.59 -11.63
N GLY A 189 4.26 7.42 -12.18
CA GLY A 189 4.83 6.27 -11.53
C GLY A 189 3.86 5.49 -10.64
N PHE A 190 2.58 5.81 -10.72
CA PHE A 190 1.60 5.09 -9.87
C PHE A 190 0.79 4.11 -10.72
N TRP A 191 0.05 3.27 -9.96
CA TRP A 191 -0.87 2.30 -10.66
C TRP A 191 -2.18 3.12 -10.64
N SER A 192 -2.26 4.05 -11.58
CA SER A 192 -3.42 4.94 -11.67
C SER A 192 -4.48 4.47 -12.67
N PHE A 193 -5.76 4.58 -12.30
CA PHE A 193 -6.81 4.15 -13.23
C PHE A 193 -8.00 5.12 -13.11
N ASN A 194 -8.90 4.94 -14.06
CA ASN A 194 -10.09 5.81 -14.07
C ASN A 194 -11.33 5.02 -13.69
N VAL A 195 -12.20 5.77 -13.00
CA VAL A 195 -13.50 5.23 -12.64
C VAL A 195 -14.49 6.15 -13.44
N ASP A 196 -15.50 5.44 -13.95
CA ASP A 196 -16.51 6.21 -14.77
C ASP A 196 -17.60 6.90 -13.98
N SER A 197 -17.83 6.42 -12.77
CA SER A 197 -18.81 6.93 -11.85
C SER A 197 -18.68 6.28 -10.46
N TYR A 198 -19.40 6.90 -9.51
CA TYR A 198 -19.40 6.36 -8.14
C TYR A 198 -20.83 6.47 -7.61
N THR A 199 -21.11 5.65 -6.63
CA THR A 199 -22.36 5.64 -5.89
C THR A 199 -21.98 5.59 -4.38
N ALA A 200 -22.40 6.64 -3.70
CA ALA A 200 -22.15 6.75 -2.23
C ALA A 200 -23.55 6.58 -1.60
N GLY A 201 -23.87 5.37 -1.21
CA GLY A 201 -25.22 5.13 -0.60
C GLY A 201 -26.25 5.56 -1.63
N SER A 202 -27.08 6.53 -1.30
CA SER A 202 -28.16 7.05 -2.16
C SER A 202 -27.79 8.11 -3.19
N GLN A 203 -26.53 8.49 -3.23
CA GLN A 203 -26.09 9.54 -4.18
C GLN A 203 -25.08 8.98 -5.19
N SER A 204 -25.21 9.40 -6.43
CA SER A 204 -24.26 8.89 -7.47
C SER A 204 -23.59 10.11 -8.06
N GLY A 205 -22.38 9.97 -8.58
CA GLY A 205 -21.71 11.19 -9.15
C GLY A 205 -20.82 10.78 -10.32
N ASP A 206 -20.20 11.78 -10.88
CA ASP A 206 -19.30 11.61 -12.05
C ASP A 206 -18.01 10.96 -11.59
N GLY A 207 -17.28 10.46 -12.57
CA GLY A 207 -15.97 9.78 -12.42
C GLY A 207 -14.82 10.67 -12.06
N PHE A 208 -13.64 9.97 -11.89
CA PHE A 208 -12.40 10.63 -11.46
C PHE A 208 -11.27 9.58 -11.61
N SER A 209 -10.06 9.97 -11.22
CA SER A 209 -8.96 8.98 -11.35
C SER A 209 -8.43 8.77 -9.92
N GLY A 210 -7.76 7.63 -9.79
CA GLY A 210 -7.19 7.31 -8.45
C GLY A 210 -6.05 6.31 -8.59
N ILE A 211 -5.36 6.12 -7.47
CA ILE A 211 -4.24 5.14 -7.51
C ILE A 211 -4.54 3.97 -6.58
N ALA A 212 -4.17 2.75 -6.97
CA ALA A 212 -4.35 1.55 -6.17
C ALA A 212 -3.11 1.56 -5.23
N ASP A 213 -3.38 1.78 -3.95
CA ASP A 213 -2.24 1.89 -2.99
C ASP A 213 -2.35 1.04 -1.72
N THR A 214 -1.59 -0.06 -1.73
CA THR A 214 -1.59 -0.93 -0.53
C THR A 214 -0.95 -0.20 0.65
N GLY A 215 -0.12 0.79 0.42
CA GLY A 215 0.54 1.55 1.50
C GLY A 215 -0.29 2.66 2.15
N THR A 216 -1.54 2.83 1.82
CA THR A 216 -2.40 3.85 2.43
C THR A 216 -3.50 3.09 3.17
N THR A 217 -3.71 3.47 4.42
CA THR A 217 -4.75 2.79 5.20
C THR A 217 -6.20 3.02 4.75
N LEU A 218 -6.53 4.25 4.42
CA LEU A 218 -7.95 4.52 4.11
C LEU A 218 -8.27 4.72 2.65
N LEU A 219 -9.53 5.07 2.41
CA LEU A 219 -9.96 5.35 1.01
C LEU A 219 -10.07 6.89 1.07
N LEU A 220 -9.18 7.59 0.35
CA LEU A 220 -9.15 9.06 0.37
C LEU A 220 -9.74 9.59 -0.94
N LEU A 221 -10.82 10.33 -0.71
CA LEU A 221 -11.54 10.90 -1.85
C LEU A 221 -11.66 12.41 -1.77
N ASP A 222 -12.23 13.02 -2.83
CA ASP A 222 -12.42 14.47 -2.83
C ASP A 222 -13.42 14.85 -1.71
N ASP A 223 -13.19 16.03 -1.13
CA ASP A 223 -14.02 16.53 -0.04
C ASP A 223 -15.51 16.55 -0.40
N SER A 224 -15.82 16.78 -1.67
CA SER A 224 -17.24 16.81 -2.12
C SER A 224 -17.89 15.45 -1.91
N VAL A 225 -17.14 14.40 -2.25
CA VAL A 225 -17.58 13.00 -2.13
C VAL A 225 -17.64 12.64 -0.63
N VAL A 226 -16.63 13.02 0.11
CA VAL A 226 -16.66 12.73 1.57
C VAL A 226 -17.91 13.35 2.20
N SER A 227 -18.14 14.61 1.85
CA SER A 227 -19.34 15.30 2.42
C SER A 227 -20.63 14.56 2.11
N GLN A 228 -20.73 14.22 0.83
CA GLN A 228 -21.93 13.49 0.31
C GLN A 228 -22.14 12.19 1.07
N TYR A 229 -21.00 11.48 1.28
CA TYR A 229 -21.08 10.23 1.98
C TYR A 229 -21.54 10.40 3.44
N TYR A 230 -20.83 11.28 4.16
CA TYR A 230 -21.19 11.45 5.59
C TYR A 230 -22.52 12.20 5.83
N SER A 231 -22.99 12.89 4.81
CA SER A 231 -24.31 13.58 5.01
C SER A 231 -25.37 12.50 5.26
N GLN A 232 -25.06 11.27 4.88
CA GLN A 232 -26.01 10.16 5.04
C GLN A 232 -25.76 9.28 6.26
N VAL A 233 -24.79 9.70 7.08
CA VAL A 233 -24.44 8.94 8.29
C VAL A 233 -24.93 9.77 9.48
N SER A 234 -25.91 9.23 10.17
CA SER A 234 -26.47 9.98 11.31
C SER A 234 -25.39 10.28 12.37
N GLY A 235 -25.33 11.57 12.65
CA GLY A 235 -24.41 12.07 13.66
C GLY A 235 -22.92 12.10 13.35
N ALA A 236 -22.52 11.81 12.12
CA ALA A 236 -21.08 11.82 11.77
C ALA A 236 -20.57 13.23 11.98
N GLN A 237 -19.37 13.34 12.54
CA GLN A 237 -18.73 14.62 12.80
C GLN A 237 -17.20 14.44 12.68
N GLN A 238 -16.55 15.56 12.36
CA GLN A 238 -15.08 15.49 12.26
C GLN A 238 -14.49 15.57 13.67
N ASP A 239 -13.45 14.80 13.85
CA ASP A 239 -12.77 14.81 15.19
C ASP A 239 -11.27 14.84 14.84
N SER A 240 -10.62 15.94 15.06
CA SER A 240 -9.20 16.07 14.75
C SER A 240 -8.39 15.11 15.62
N ASN A 241 -8.88 14.73 16.76
CA ASN A 241 -8.15 13.78 17.64
C ASN A 241 -8.08 12.43 16.94
N ALA A 242 -9.15 12.05 16.29
CA ALA A 242 -9.26 10.76 15.59
C ALA A 242 -8.67 10.80 14.19
N GLY A 243 -8.69 11.91 13.50
CA GLY A 243 -8.14 12.04 12.14
C GLY A 243 -9.15 12.24 11.03
N GLY A 244 -10.38 12.58 11.44
CA GLY A 244 -11.42 12.79 10.42
C GLY A 244 -12.81 12.51 10.92
N TYR A 245 -13.65 12.13 9.96
CA TYR A 245 -15.06 11.88 10.35
C TYR A 245 -15.20 10.66 11.23
N VAL A 246 -15.98 10.79 12.31
CA VAL A 246 -16.21 9.69 13.23
C VAL A 246 -17.76 9.59 13.40
N PHE A 247 -18.13 8.45 13.93
CA PHE A 247 -19.57 8.18 14.17
C PHE A 247 -19.65 7.04 15.17
N ASP A 248 -20.90 6.91 15.67
CA ASP A 248 -21.25 5.89 16.65
C ASP A 248 -20.94 4.55 15.96
N CYS A 249 -20.24 3.71 16.68
CA CYS A 249 -19.83 2.42 16.17
C CYS A 249 -20.95 1.53 15.66
N SER A 250 -22.13 1.71 16.16
CA SER A 250 -23.31 0.90 15.79
C SER A 250 -24.02 1.36 14.52
N THR A 251 -23.64 2.52 14.02
CA THR A 251 -24.26 3.10 12.84
C THR A 251 -24.22 2.14 11.65
N ASN A 252 -25.31 2.23 10.93
CA ASN A 252 -25.48 1.41 9.69
C ASN A 252 -24.82 2.27 8.59
N LEU A 253 -23.72 1.81 8.01
CA LEU A 253 -23.11 2.70 6.97
C LEU A 253 -23.52 2.28 5.55
N PRO A 254 -23.74 3.28 4.74
CA PRO A 254 -24.09 3.01 3.32
C PRO A 254 -22.87 2.37 2.61
N ASP A 255 -23.14 1.69 1.51
CA ASP A 255 -22.00 1.09 0.76
C ASP A 255 -21.42 2.19 -0.13
N PHE A 256 -20.23 1.91 -0.68
CA PHE A 256 -19.56 2.83 -1.61
C PHE A 256 -19.14 1.99 -2.84
N SER A 257 -19.46 2.43 -4.07
CA SER A 257 -19.02 1.59 -5.22
C SER A 257 -18.48 2.51 -6.31
N VAL A 258 -17.67 1.93 -7.18
CA VAL A 258 -17.12 2.73 -8.33
C VAL A 258 -17.36 1.82 -9.55
N SER A 259 -17.54 2.50 -10.66
CA SER A 259 -17.77 1.69 -11.92
C SER A 259 -16.45 1.76 -12.65
N ILE A 260 -15.80 0.65 -12.89
CA ILE A 260 -14.49 0.58 -13.56
C ILE A 260 -14.60 -0.23 -14.85
N SER A 261 -14.51 0.44 -15.97
CA SER A 261 -14.59 -0.33 -17.25
C SER A 261 -15.73 -1.33 -17.21
N GLY A 262 -16.90 -0.87 -16.76
CA GLY A 262 -18.09 -1.72 -16.70
C GLY A 262 -18.29 -2.63 -15.53
N TYR A 263 -17.26 -2.76 -14.70
CA TYR A 263 -17.33 -3.61 -13.48
C TYR A 263 -17.63 -2.69 -12.28
N THR A 264 -18.53 -3.15 -11.42
CA THR A 264 -18.85 -2.34 -10.24
C THR A 264 -18.07 -2.90 -9.02
N ALA A 265 -17.17 -2.06 -8.54
CA ALA A 265 -16.35 -2.52 -7.36
C ALA A 265 -17.11 -1.97 -6.14
N THR A 266 -17.59 -2.84 -5.27
CA THR A 266 -18.35 -2.32 -4.11
C THR A 266 -17.63 -2.58 -2.80
N VAL A 267 -17.60 -1.52 -2.03
CA VAL A 267 -16.98 -1.63 -0.68
C VAL A 267 -18.25 -1.61 0.23
N PRO A 268 -18.50 -2.74 0.91
CA PRO A 268 -19.63 -2.84 1.79
C PRO A 268 -19.46 -1.89 2.96
N GLY A 269 -20.57 -1.36 3.44
CA GLY A 269 -20.57 -0.43 4.56
C GLY A 269 -19.83 -0.99 5.77
N SER A 270 -19.86 -2.28 6.02
CA SER A 270 -19.15 -2.86 7.17
C SER A 270 -17.65 -2.67 7.11
N LEU A 271 -17.05 -2.63 5.94
CA LEU A 271 -15.63 -2.41 5.75
C LEU A 271 -15.31 -0.93 5.91
N ILE A 272 -16.28 -0.05 5.83
CA ILE A 272 -16.07 1.40 6.00
C ILE A 272 -15.96 1.79 7.47
N ASN A 273 -16.24 0.84 8.34
CA ASN A 273 -16.12 1.13 9.80
C ASN A 273 -14.66 0.68 10.04
N TYR A 274 -13.75 1.62 10.11
CA TYR A 274 -12.33 1.28 10.30
C TYR A 274 -12.02 0.64 11.66
N GLY A 275 -12.59 1.27 12.67
CA GLY A 275 -12.37 0.76 14.05
C GLY A 275 -12.49 1.94 15.00
N PRO A 276 -12.18 1.63 16.26
CA PRO A 276 -12.25 2.62 17.35
C PRO A 276 -11.46 3.85 16.95
N SER A 277 -12.10 4.99 17.07
CA SER A 277 -11.43 6.25 16.71
C SER A 277 -10.22 6.44 17.64
N GLY A 278 -10.43 5.96 18.86
CA GLY A 278 -9.40 6.05 19.91
C GLY A 278 -9.52 7.43 20.59
N ASP A 279 -10.73 7.93 20.43
CA ASP A 279 -11.16 9.23 20.95
C ASP A 279 -12.53 9.01 21.60
N GLY A 280 -12.49 8.31 22.72
CA GLY A 280 -13.74 8.03 23.47
C GLY A 280 -14.41 6.78 22.88
N SER A 281 -15.66 6.94 22.50
CA SER A 281 -16.48 5.88 21.95
C SER A 281 -17.09 5.87 20.56
N THR A 282 -16.40 6.53 19.65
CA THR A 282 -16.87 6.59 18.25
C THR A 282 -15.89 5.73 17.47
N CYS A 283 -16.21 5.56 16.21
CA CYS A 283 -15.35 4.75 15.30
C CYS A 283 -14.92 5.70 14.19
N LEU A 284 -13.76 5.45 13.60
CA LEU A 284 -13.30 6.32 12.50
C LEU A 284 -13.82 5.74 11.18
N GLY A 285 -14.22 6.62 10.27
CA GLY A 285 -14.71 6.15 8.96
C GLY A 285 -13.53 5.80 8.07
N GLY A 286 -13.78 4.81 7.23
CA GLY A 286 -12.72 4.34 6.28
C GLY A 286 -12.61 5.32 5.10
N ILE A 287 -13.56 6.19 4.91
CA ILE A 287 -13.53 7.21 3.85
C ILE A 287 -13.13 8.55 4.47
N GLN A 288 -12.06 9.20 3.89
CA GLN A 288 -11.65 10.52 4.49
C GLN A 288 -11.17 11.37 3.31
N SER A 289 -10.90 12.61 3.65
CA SER A 289 -10.44 13.55 2.57
C SER A 289 -9.07 13.29 2.00
N ASN A 290 -8.91 13.55 0.70
CA ASN A 290 -7.61 13.43 0.04
C ASN A 290 -6.86 14.76 0.11
N SER A 291 -7.24 15.69 0.95
CA SER A 291 -6.66 17.02 1.15
C SER A 291 -6.57 17.89 -0.11
N GLY A 292 -7.46 17.65 -1.05
CA GLY A 292 -7.41 18.51 -2.27
C GLY A 292 -6.36 18.16 -3.29
N ILE A 293 -5.73 17.03 -3.26
CA ILE A 293 -4.72 16.68 -4.27
C ILE A 293 -5.20 16.46 -5.71
N GLY A 294 -6.45 16.35 -6.02
CA GLY A 294 -6.87 16.16 -7.42
C GLY A 294 -7.03 14.73 -7.89
N PHE A 295 -6.78 13.72 -7.07
CA PHE A 295 -6.95 12.31 -7.48
C PHE A 295 -7.23 11.53 -6.15
N SER A 296 -7.84 10.37 -6.32
CA SER A 296 -8.20 9.58 -5.13
C SER A 296 -7.17 8.50 -4.81
N ILE A 297 -7.15 8.11 -3.52
CA ILE A 297 -6.18 7.06 -3.11
C ILE A 297 -7.05 5.89 -2.66
N PHE A 298 -6.98 4.83 -3.50
CA PHE A 298 -7.74 3.59 -3.19
C PHE A 298 -6.84 2.75 -2.28
N GLY A 299 -6.88 3.07 -1.01
CA GLY A 299 -6.12 2.40 0.05
C GLY A 299 -6.78 1.08 0.46
N ASP A 300 -6.26 0.56 1.58
CA ASP A 300 -6.64 -0.73 2.14
C ASP A 300 -8.14 -0.91 2.36
N ILE A 301 -8.80 0.18 2.77
CA ILE A 301 -10.26 -0.01 3.00
C ILE A 301 -10.92 -0.56 1.70
N PHE A 302 -10.48 0.01 0.58
CA PHE A 302 -11.00 -0.41 -0.73
C PHE A 302 -10.47 -1.79 -1.10
N LEU A 303 -9.16 -1.97 -0.95
CA LEU A 303 -8.52 -3.24 -1.31
C LEU A 303 -9.02 -4.47 -0.57
N LYS A 304 -9.47 -4.30 0.65
CA LYS A 304 -10.01 -5.39 1.46
C LYS A 304 -11.23 -6.01 0.78
N SER A 305 -11.83 -5.32 -0.19
CA SER A 305 -13.00 -5.91 -0.87
C SER A 305 -12.65 -6.61 -2.17
N GLN A 306 -11.46 -6.43 -2.70
CA GLN A 306 -11.13 -7.05 -3.99
C GLN A 306 -9.84 -7.81 -4.01
N TYR A 307 -9.75 -8.60 -5.10
CA TYR A 307 -8.48 -9.31 -5.37
C TYR A 307 -8.00 -8.39 -6.56
N VAL A 308 -6.78 -7.87 -6.44
CA VAL A 308 -6.36 -6.94 -7.51
C VAL A 308 -5.07 -7.46 -8.19
N VAL A 309 -5.09 -7.42 -9.52
CA VAL A 309 -3.89 -7.87 -10.25
C VAL A 309 -3.20 -6.61 -10.83
N PHE A 310 -1.90 -6.54 -10.52
CA PHE A 310 -1.05 -5.44 -11.01
C PHE A 310 -0.22 -6.09 -12.14
N ASP A 311 -0.68 -5.81 -13.35
CA ASP A 311 -0.03 -6.40 -14.55
C ASP A 311 0.82 -5.42 -15.31
N SER A 312 2.13 -5.75 -15.39
CA SER A 312 3.05 -4.86 -16.13
C SER A 312 2.77 -4.86 -17.63
N ASP A 313 2.07 -5.79 -18.16
CA ASP A 313 1.73 -5.84 -19.65
C ASP A 313 0.52 -4.95 -19.84
N GLY A 314 0.74 -3.82 -20.50
CA GLY A 314 -0.36 -2.82 -20.71
C GLY A 314 0.24 -1.45 -20.37
N PRO A 315 0.42 -1.09 -19.10
CA PRO A 315 0.09 -1.93 -17.93
C PRO A 315 -1.40 -1.91 -17.66
N GLN A 316 -1.88 -2.74 -16.78
CA GLN A 316 -3.33 -2.72 -16.45
C GLN A 316 -3.56 -3.30 -15.05
N LEU A 317 -4.76 -3.04 -14.57
CA LEU A 317 -5.15 -3.58 -13.25
C LEU A 317 -6.41 -4.45 -13.46
N GLY A 318 -6.41 -5.60 -12.81
CA GLY A 318 -7.59 -6.47 -12.92
C GLY A 318 -8.21 -6.49 -11.52
N PHE A 319 -9.54 -6.51 -11.54
CA PHE A 319 -10.31 -6.54 -10.31
C PHE A 319 -11.44 -7.64 -10.31
N ALA A 320 -11.65 -8.16 -9.12
CA ALA A 320 -12.79 -9.14 -8.95
C ALA A 320 -13.06 -9.13 -7.44
N PRO A 321 -14.28 -9.40 -7.01
CA PRO A 321 -14.59 -9.45 -5.60
C PRO A 321 -13.80 -10.58 -4.92
N GLN A 322 -13.32 -10.31 -3.72
CA GLN A 322 -12.57 -11.34 -2.97
C GLN A 322 -13.50 -12.49 -2.60
N ALA A 323 -12.96 -13.70 -2.66
CA ALA A 323 -13.76 -14.91 -2.35
C ALA A 323 -13.68 -15.10 -0.83
CA IVA B 1 -3.55 5.52 9.45
CB IVA B 1 -4.56 6.47 10.07
CG1 IVA B 1 -5.19 7.24 8.91
CG2 IVA B 1 -5.60 5.72 10.87
C IVA B 1 -2.46 6.31 8.69
O IVA B 1 -2.23 7.51 8.95
N VAL B 2 -1.83 5.58 7.80
CA VAL B 2 -0.71 6.19 7.03
C VAL B 2 -1.06 6.41 5.55
N VAL B 3 -0.21 7.20 4.96
CA VAL B 3 -0.41 7.54 3.50
C VAL B 3 1.00 7.45 2.85
N DFO B 4 1.27 6.33 2.16
CA DFO B 4 2.61 6.17 1.57
CB DFO B 4 3.23 4.94 2.29
CG DFO B 4 3.27 4.97 3.81
CD1 DFO B 4 3.82 3.67 4.36
CD2 DFO B 4 4.18 6.11 4.36
CH DFO B 4 2.48 5.89 0.06
OH1 DFO B 4 3.77 5.58 -0.39
OH2 DFO B 4 1.54 4.80 -0.15
CM DFO B 4 2.03 7.08 -0.84
F1 DFO B 4 1.03 7.70 -0.26
F2 DFO B 4 1.62 6.66 -2.04
C DFO B 4 3.23 8.09 -1.03
O DFO B 4 3.50 8.95 -0.17
N NME B 5 3.89 7.91 -2.15
C NME B 5 5.07 8.72 -2.53
C1 MAN C . 4.13 -20.40 -9.30
C2 MAN C . 4.18 -21.67 -8.44
C3 MAN C . 5.46 -22.41 -8.74
C4 MAN C . 5.59 -22.72 -10.24
C5 MAN C . 5.58 -21.36 -10.96
C6 MAN C . 5.67 -21.44 -12.49
O2 MAN C . 3.00 -22.42 -8.91
O3 MAN C . 5.44 -23.62 -8.01
O4 MAN C . 6.80 -23.36 -10.53
O5 MAN C . 4.31 -20.69 -10.68
O6 MAN C . 4.49 -22.13 -12.94
C1 XYS D . 2.10 -17.53 3.85
C2 XYS D . 1.02 -18.54 4.30
C3 XYS D . 0.11 -18.82 3.10
C4 XYS D . 0.91 -19.40 1.98
C5 XYS D . 2.34 -19.04 1.89
O2 XYS D . 0.39 -18.09 5.45
O3 XYS D . -0.96 -19.62 3.48
O4 XYS D . 0.14 -19.38 0.79
O5 XYS D . 2.88 -18.14 2.83
S SO4 E . -10.40 -14.82 -15.11
O1 SO4 E . -9.12 -14.63 -15.85
O2 SO4 E . -11.15 -13.51 -15.11
O3 SO4 E . -11.25 -15.82 -15.83
O4 SO4 E . -10.20 -15.27 -13.71
C1 DMF F . 0.09 9.90 -2.85
C2 DMF F . 1.85 11.40 -1.91
C DMF F . -0.43 11.78 -1.45
O DMF F . -0.15 12.96 -1.22
N DMF F . 0.49 10.96 -1.98
#